data_7KB7
#
_entry.id   7KB7
#
_cell.length_a   87.856
_cell.length_b   87.856
_cell.length_c   107.679
_cell.angle_alpha   90.000
_cell.angle_beta   90.000
_cell.angle_gamma   90.000
#
_symmetry.space_group_name_H-M   'P 41 21 2'
#
loop_
_entity.id
_entity.type
_entity.pdbx_description
1 polymer 'Sensor histidine kinase'
2 non-polymer 1,2-ETHANEDIOL
3 non-polymer 'SULFATE ION'
4 non-polymer 'MAGNESIUM ION'
5 water water
#
_entity_poly.entity_id   1
_entity_poly.type   'polypeptide(L)'
_entity_poly.pdbx_seq_one_letter_code
;SNADSLPERIDLFVSLFDYNSATTSYDIRSIQTDFPTRLLTPDSMLPQTSEYPLKDIQLLYKLAQSCTGKLPLSPLITEP
LVFTRSLCKGSSLSPRWFARSGLIHPGGGTYAFRYAEKYPAQFANLLPYMHIQERPNAAEGTLLYHLQNMGEDAINALVS
GASMFGSGSDLWLRKGDIYYLFNEETWLTNANKAGLSYSLLSADCFIQRGNICWDVEDHS
;
_entity_poly.pdbx_strand_id   A
#
loop_
_chem_comp.id
_chem_comp.type
_chem_comp.name
_chem_comp.formula
EDO non-polymer 1,2-ETHANEDIOL 'C2 H6 O2'
MG non-polymer 'MAGNESIUM ION' 'Mg 2'
SO4 non-polymer 'SULFATE ION' 'O4 S -2'
#
# COMPACT_ATOMS: atom_id res chain seq x y z
N ASN A 2 27.41 24.18 9.35
CA ASN A 2 27.85 22.82 9.07
C ASN A 2 26.83 22.10 8.20
N ALA A 3 25.69 22.76 7.96
CA ALA A 3 24.62 22.16 7.16
C ALA A 3 24.98 22.08 5.68
N ASP A 4 26.07 22.72 5.25
CA ASP A 4 26.46 22.67 3.84
C ASP A 4 27.06 21.32 3.46
N SER A 5 27.72 20.63 4.39
CA SER A 5 28.29 19.32 4.15
C SER A 5 27.26 18.20 4.32
N LEU A 6 25.99 18.55 4.53
CA LEU A 6 24.97 17.54 4.79
C LEU A 6 24.85 16.52 3.66
N PRO A 7 24.78 16.90 2.38
CA PRO A 7 24.68 15.86 1.33
C PRO A 7 25.88 14.92 1.31
N GLU A 8 27.08 15.44 1.52
CA GLU A 8 28.26 14.57 1.55
C GLU A 8 28.20 13.60 2.72
N ARG A 9 27.71 14.05 3.88
CA ARG A 9 27.62 13.16 5.03
C ARG A 9 26.58 12.08 4.80
N ILE A 10 25.49 12.40 4.11
CA ILE A 10 24.47 11.39 3.81
C ILE A 10 25.03 10.34 2.85
N ASP A 11 25.85 10.77 1.88
CA ASP A 11 26.48 9.80 0.99
C ASP A 11 27.43 8.89 1.76
N LEU A 12 28.21 9.45 2.69
CA LEU A 12 29.07 8.61 3.53
C LEU A 12 28.24 7.63 4.35
N PHE A 13 27.12 8.11 4.91
CA PHE A 13 26.21 7.25 5.67
C PHE A 13 25.77 6.06 4.83
N VAL A 14 25.30 6.30 3.62
CA VAL A 14 24.84 5.23 2.74
C VAL A 14 25.97 4.24 2.45
N SER A 15 27.20 4.75 2.30
CA SER A 15 28.33 3.89 1.95
C SER A 15 28.79 3.01 3.10
N LEU A 16 28.37 3.28 4.34
CA LEU A 16 28.83 2.50 5.47
C LEU A 16 28.14 1.15 5.60
N PHE A 17 27.01 0.96 4.93
CA PHE A 17 26.22 -0.25 5.12
C PHE A 17 26.81 -1.42 4.35
N ASP A 18 26.77 -2.59 4.98
CA ASP A 18 27.19 -3.84 4.34
C ASP A 18 25.95 -4.47 3.72
N TYR A 19 25.76 -4.25 2.43
CA TYR A 19 24.57 -4.72 1.73
C TYR A 19 24.49 -6.24 1.62
N ASN A 20 25.60 -6.94 1.84
CA ASN A 20 25.57 -8.40 1.84
C ASN A 20 25.22 -8.98 3.20
N SER A 21 25.22 -8.17 4.25
CA SER A 21 24.83 -8.63 5.58
C SER A 21 23.48 -8.03 6.01
N ALA A 22 22.65 -7.68 5.04
CA ALA A 22 21.36 -7.08 5.35
C ALA A 22 20.43 -8.10 6.00
N THR A 23 19.44 -7.58 6.74
CA THR A 23 18.40 -8.40 7.33
C THR A 23 17.73 -9.22 6.23
N THR A 24 17.00 -8.55 5.35
CA THR A 24 16.48 -9.14 4.13
C THR A 24 16.65 -8.12 3.02
N SER A 25 16.34 -8.54 1.80
CA SER A 25 16.39 -7.64 0.65
C SER A 25 15.28 -8.02 -0.31
N TYR A 26 14.74 -7.03 -1.02
CA TYR A 26 13.64 -7.24 -1.94
C TYR A 26 13.94 -6.52 -3.24
N ASP A 27 13.93 -7.26 -4.35
CA ASP A 27 13.99 -6.64 -5.66
C ASP A 27 12.70 -5.86 -5.92
N ILE A 28 12.85 -4.66 -6.46
CA ILE A 28 11.67 -3.84 -6.76
C ILE A 28 10.76 -4.55 -7.75
N ARG A 29 11.36 -5.24 -8.73
CA ARG A 29 10.58 -6.00 -9.70
C ARG A 29 9.71 -7.05 -9.03
N SER A 30 10.28 -7.79 -8.06
CA SER A 30 9.50 -8.80 -7.36
C SER A 30 8.35 -8.19 -6.57
N ILE A 31 8.53 -6.98 -6.04
CA ILE A 31 7.47 -6.32 -5.29
C ILE A 31 6.34 -5.90 -6.21
N GLN A 32 6.68 -5.39 -7.40
CA GLN A 32 5.65 -4.98 -8.35
C GLN A 32 4.92 -6.18 -8.95
N THR A 33 5.60 -7.33 -9.06
CA THR A 33 4.93 -8.52 -9.55
C THR A 33 3.93 -9.05 -8.54
N ASP A 34 4.28 -9.04 -7.25
CA ASP A 34 3.44 -9.63 -6.23
C ASP A 34 2.38 -8.69 -5.68
N PHE A 35 2.54 -7.38 -5.89
CA PHE A 35 1.63 -6.40 -5.32
C PHE A 35 1.43 -5.24 -6.29
N PRO A 36 0.33 -5.25 -7.06
CA PRO A 36 -0.07 -4.02 -7.75
C PRO A 36 -0.16 -2.86 -6.78
N THR A 37 0.19 -1.67 -7.26
CA THR A 37 0.10 -0.48 -6.42
C THR A 37 -1.31 -0.31 -5.84
N ARG A 38 -2.34 -0.66 -6.63
N ARG A 38 -2.34 -0.65 -6.63
CA ARG A 38 -3.72 -0.57 -6.16
CA ARG A 38 -3.71 -0.56 -6.14
C ARG A 38 -3.95 -1.37 -4.90
C ARG A 38 -3.92 -1.34 -4.86
N LEU A 39 -3.16 -2.42 -4.67
CA LEU A 39 -3.34 -3.29 -3.52
C LEU A 39 -2.43 -2.92 -2.35
N LEU A 40 -1.68 -1.83 -2.46
CA LEU A 40 -0.85 -1.32 -1.38
C LEU A 40 -1.35 -0.01 -0.79
N THR A 41 -1.83 0.91 -1.62
CA THR A 41 -2.13 2.25 -1.14
C THR A 41 -3.36 2.24 -0.24
N PRO A 42 -3.30 2.91 0.91
CA PRO A 42 -4.46 2.93 1.82
C PRO A 42 -5.73 3.47 1.18
N ASP A 43 -5.63 4.41 0.26
CA ASP A 43 -6.82 4.99 -0.35
C ASP A 43 -7.67 3.96 -1.07
N SER A 44 -7.09 2.83 -1.47
CA SER A 44 -7.88 1.76 -2.07
C SER A 44 -8.85 1.14 -1.09
N MET A 45 -8.61 1.27 0.21
CA MET A 45 -9.51 0.72 1.20
C MET A 45 -10.70 1.61 1.49
N LEU A 46 -10.70 2.87 1.02
CA LEU A 46 -11.78 3.81 1.25
C LEU A 46 -12.75 3.83 0.08
N PRO A 47 -13.99 4.27 0.29
CA PRO A 47 -14.89 4.49 -0.85
C PRO A 47 -14.24 5.38 -1.88
N GLN A 48 -14.43 5.04 -3.16
CA GLN A 48 -13.73 5.70 -4.26
C GLN A 48 -14.47 6.98 -4.64
N THR A 49 -14.46 7.94 -3.71
CA THR A 49 -15.27 9.14 -3.84
C THR A 49 -14.76 10.08 -4.92
N SER A 50 -13.48 9.99 -5.26
CA SER A 50 -12.93 10.83 -6.32
C SER A 50 -13.10 10.23 -7.70
N GLU A 51 -13.57 9.00 -7.80
CA GLU A 51 -13.81 8.33 -9.08
C GLU A 51 -15.29 8.18 -9.40
N TYR A 52 -16.15 8.01 -8.41
CA TYR A 52 -17.58 7.85 -8.62
C TYR A 52 -18.35 8.86 -7.80
N PRO A 53 -19.47 9.37 -8.32
CA PRO A 53 -20.34 10.21 -7.48
C PRO A 53 -20.82 9.43 -6.28
N LEU A 54 -20.98 10.14 -5.17
CA LEU A 54 -21.42 9.48 -3.94
C LEU A 54 -22.77 8.80 -4.12
N LYS A 55 -23.68 9.45 -4.86
CA LYS A 55 -24.99 8.86 -5.11
C LYS A 55 -24.88 7.55 -5.89
N ASP A 56 -23.89 7.43 -6.78
CA ASP A 56 -23.71 6.18 -7.51
C ASP A 56 -23.21 5.07 -6.59
N ILE A 57 -22.32 5.41 -5.64
CA ILE A 57 -21.87 4.42 -4.67
C ILE A 57 -23.03 3.99 -3.78
N GLN A 58 -23.88 4.95 -3.39
CA GLN A 58 -25.05 4.62 -2.58
C GLN A 58 -26.01 3.74 -3.37
N LEU A 59 -26.16 3.99 -4.66
CA LEU A 59 -27.05 3.19 -5.48
C LEU A 59 -26.53 1.76 -5.65
N LEU A 60 -25.20 1.58 -5.57
CA LEU A 60 -24.63 0.24 -5.65
C LEU A 60 -24.85 -0.56 -4.38
N TYR A 61 -24.73 0.10 -3.22
CA TYR A 61 -24.97 -0.59 -1.95
C TYR A 61 -26.43 -0.98 -1.81
N LYS A 62 -27.35 -0.11 -2.22
CA LYS A 62 -28.76 -0.45 -2.14
C LYS A 62 -29.10 -1.61 -3.07
N LEU A 63 -28.48 -1.62 -4.26
CA LEU A 63 -28.71 -2.71 -5.19
C LEU A 63 -28.16 -4.03 -4.66
N ALA A 64 -26.99 -3.99 -4.01
CA ALA A 64 -26.44 -5.20 -3.45
C ALA A 64 -27.25 -5.71 -2.27
N GLN A 65 -27.97 -4.82 -1.58
CA GLN A 65 -28.79 -5.22 -0.45
C GLN A 65 -30.10 -5.85 -0.91
N SER A 66 -30.83 -5.16 -1.78
CA SER A 66 -32.15 -5.61 -2.21
C SER A 66 -32.09 -6.56 -3.41
N CYS A 67 -31.01 -6.51 -4.19
CA CYS A 67 -30.88 -7.28 -5.43
C CYS A 67 -32.02 -6.99 -6.40
N THR A 68 -32.54 -5.77 -6.34
CA THR A 68 -33.59 -5.29 -7.24
C THR A 68 -33.59 -3.77 -7.18
N GLY A 69 -34.15 -3.15 -8.22
CA GLY A 69 -34.37 -1.71 -8.18
C GLY A 69 -33.48 -0.87 -9.08
N LYS A 70 -33.17 0.34 -8.62
CA LYS A 70 -32.51 1.34 -9.44
C LYS A 70 -31.08 0.93 -9.76
N LEU A 71 -30.76 0.86 -11.06
CA LEU A 71 -29.39 0.69 -11.53
C LEU A 71 -28.70 2.04 -11.65
N PRO A 72 -27.43 2.13 -11.23
CA PRO A 72 -26.69 3.39 -11.37
C PRO A 72 -26.54 3.79 -12.84
N LEU A 73 -26.21 5.07 -13.04
CA LEU A 73 -26.27 5.69 -14.35
C LEU A 73 -24.92 5.72 -15.08
N SER A 74 -23.91 6.34 -14.48
CA SER A 74 -22.70 6.70 -15.21
C SER A 74 -22.03 5.45 -15.81
N PRO A 75 -21.53 5.54 -17.04
CA PRO A 75 -20.95 4.35 -17.68
C PRO A 75 -19.64 3.89 -17.08
N LEU A 76 -19.11 4.54 -16.04
CA LEU A 76 -17.94 4.04 -15.34
C LEU A 76 -18.30 3.01 -14.29
N ILE A 77 -19.59 2.71 -14.10
CA ILE A 77 -20.03 1.73 -13.13
C ILE A 77 -20.32 0.38 -13.78
N THR A 78 -19.98 0.22 -15.07
CA THR A 78 -20.29 -1.00 -15.79
C THR A 78 -19.71 -2.23 -15.09
N GLU A 79 -18.40 -2.25 -14.88
CA GLU A 79 -17.79 -3.38 -14.20
C GLU A 79 -18.30 -3.57 -12.77
N PRO A 80 -18.39 -2.53 -11.93
CA PRO A 80 -19.00 -2.73 -10.61
C PRO A 80 -20.44 -3.24 -10.69
N LEU A 81 -21.18 -2.85 -11.73
CA LEU A 81 -22.53 -3.39 -11.91
C LEU A 81 -22.49 -4.87 -12.23
N VAL A 82 -21.59 -5.27 -13.13
CA VAL A 82 -21.41 -6.69 -13.43
C VAL A 82 -21.11 -7.47 -12.16
N PHE A 83 -20.19 -6.96 -11.33
CA PHE A 83 -19.87 -7.63 -10.08
C PHE A 83 -21.10 -7.73 -9.18
N THR A 84 -21.83 -6.63 -9.03
CA THR A 84 -22.97 -6.63 -8.11
C THR A 84 -24.08 -7.54 -8.62
N ARG A 85 -24.37 -7.52 -9.92
CA ARG A 85 -25.41 -8.40 -10.46
C ARG A 85 -25.03 -9.86 -10.30
N SER A 86 -23.74 -10.18 -10.39
CA SER A 86 -23.30 -11.58 -10.28
C SER A 86 -23.53 -12.12 -8.88
N LEU A 87 -23.18 -11.34 -7.85
CA LEU A 87 -23.46 -11.77 -6.48
C LEU A 87 -24.94 -11.92 -6.23
N CYS A 88 -25.76 -11.07 -6.85
CA CYS A 88 -27.21 -11.16 -6.69
C CYS A 88 -27.77 -12.36 -7.44
N LYS A 89 -27.38 -12.52 -8.70
CA LYS A 89 -27.82 -13.69 -9.47
C LYS A 89 -27.18 -14.98 -8.96
N GLY A 90 -26.16 -14.89 -8.10
CA GLY A 90 -25.47 -16.07 -7.63
C GLY A 90 -24.55 -16.72 -8.64
N SER A 91 -24.35 -16.11 -9.81
CA SER A 91 -23.44 -16.66 -10.78
C SER A 91 -22.00 -16.49 -10.32
N SER A 92 -21.14 -17.38 -10.79
CA SER A 92 -19.76 -17.42 -10.32
C SER A 92 -18.86 -16.53 -11.15
N LEU A 93 -17.82 -16.01 -10.51
CA LEU A 93 -16.77 -15.24 -11.16
C LEU A 93 -15.46 -15.98 -10.95
N SER A 94 -14.83 -16.41 -12.05
CA SER A 94 -13.60 -17.14 -11.95
C SER A 94 -12.46 -16.23 -11.47
N PRO A 95 -11.41 -16.80 -10.91
CA PRO A 95 -10.23 -15.98 -10.58
C PRO A 95 -9.70 -15.19 -11.75
N ARG A 96 -9.92 -15.65 -12.99
N ARG A 96 -9.92 -15.68 -12.99
CA ARG A 96 -9.47 -14.91 -14.14
CA ARG A 96 -9.50 -14.94 -14.17
C ARG A 96 -10.26 -13.62 -14.33
C ARG A 96 -10.25 -13.62 -14.30
N TRP A 97 -11.52 -13.60 -13.88
CA TRP A 97 -12.30 -12.36 -13.95
C TRP A 97 -11.72 -11.29 -13.04
N PHE A 98 -11.25 -11.69 -11.86
CA PHE A 98 -10.65 -10.72 -10.97
C PHE A 98 -9.31 -10.23 -11.51
N ALA A 99 -8.54 -11.14 -12.11
CA ALA A 99 -7.28 -10.74 -12.73
C ALA A 99 -7.50 -9.73 -13.85
N ARG A 100 -8.65 -9.82 -14.53
CA ARG A 100 -9.00 -8.89 -15.60
C ARG A 100 -9.55 -7.56 -15.11
N SER A 101 -9.96 -7.47 -13.85
CA SER A 101 -10.73 -6.33 -13.37
C SER A 101 -9.80 -5.22 -12.87
N GLY A 102 -10.41 -4.10 -12.49
CA GLY A 102 -9.73 -3.02 -11.82
C GLY A 102 -9.50 -3.25 -10.35
N LEU A 103 -9.85 -4.42 -9.83
CA LEU A 103 -9.53 -4.88 -8.49
C LEU A 103 -10.33 -4.17 -7.39
N ILE A 104 -10.42 -2.85 -7.47
CA ILE A 104 -10.98 -2.05 -6.39
C ILE A 104 -12.47 -1.86 -6.60
N HIS A 105 -13.24 -2.14 -5.55
CA HIS A 105 -14.68 -1.93 -5.52
C HIS A 105 -14.97 -0.46 -5.19
N PRO A 106 -16.06 0.11 -5.73
CA PRO A 106 -16.30 1.55 -5.49
C PRO A 106 -16.60 1.90 -4.04
N GLY A 107 -17.07 0.94 -3.24
CA GLY A 107 -17.26 1.20 -1.83
C GLY A 107 -16.03 1.02 -0.98
N GLY A 108 -14.86 0.83 -1.59
CA GLY A 108 -13.64 0.60 -0.85
C GLY A 108 -13.32 -0.88 -0.71
N GLY A 109 -12.03 -1.22 -0.72
CA GLY A 109 -11.67 -2.62 -0.73
C GLY A 109 -11.77 -3.20 -2.12
N THR A 110 -11.65 -4.51 -2.19
CA THR A 110 -11.56 -5.20 -3.47
C THR A 110 -12.80 -6.02 -3.77
N TYR A 111 -13.01 -6.26 -5.07
CA TYR A 111 -14.00 -7.24 -5.49
C TYR A 111 -13.72 -8.62 -4.90
N ALA A 112 -12.44 -9.02 -4.90
CA ALA A 112 -12.08 -10.38 -4.49
C ALA A 112 -12.45 -10.63 -3.04
N PHE A 113 -12.11 -9.69 -2.15
CA PHE A 113 -12.42 -9.86 -0.74
C PHE A 113 -13.93 -9.98 -0.52
N ARG A 114 -14.71 -9.13 -1.19
N ARG A 114 -14.71 -9.14 -1.19
CA ARG A 114 -16.17 -9.21 -1.07
CA ARG A 114 -16.16 -9.22 -1.06
C ARG A 114 -16.69 -10.55 -1.59
C ARG A 114 -16.71 -10.53 -1.61
N TYR A 115 -16.15 -11.01 -2.71
CA TYR A 115 -16.58 -12.28 -3.28
C TYR A 115 -16.21 -13.44 -2.36
N ALA A 116 -15.03 -13.38 -1.74
CA ALA A 116 -14.60 -14.44 -0.83
C ALA A 116 -15.37 -14.42 0.48
N GLU A 117 -15.99 -13.29 0.83
CA GLU A 117 -16.84 -13.26 2.01
C GLU A 117 -18.14 -14.02 1.75
N LYS A 118 -18.63 -14.02 0.52
CA LYS A 118 -19.82 -14.79 0.17
C LYS A 118 -19.50 -16.22 -0.19
N TYR A 119 -18.31 -16.50 -0.73
CA TYR A 119 -17.88 -17.84 -1.10
C TYR A 119 -16.52 -18.10 -0.46
N PRO A 120 -16.49 -18.40 0.85
CA PRO A 120 -15.20 -18.54 1.53
C PRO A 120 -14.35 -19.67 1.01
N ALA A 121 -14.92 -20.64 0.29
CA ALA A 121 -14.11 -21.71 -0.29
C ALA A 121 -13.13 -21.20 -1.35
N GLN A 122 -13.38 -20.03 -1.93
CA GLN A 122 -12.52 -19.50 -2.98
C GLN A 122 -11.53 -18.45 -2.46
N PHE A 123 -11.36 -18.38 -1.13
CA PHE A 123 -10.53 -17.34 -0.53
C PHE A 123 -9.07 -17.43 -1.01
N ALA A 124 -8.49 -18.62 -0.98
CA ALA A 124 -7.07 -18.76 -1.29
C ALA A 124 -6.77 -18.41 -2.74
N ASN A 125 -7.62 -18.86 -3.67
CA ASN A 125 -7.38 -18.55 -5.08
C ASN A 125 -7.57 -17.08 -5.41
N LEU A 126 -8.29 -16.33 -4.58
CA LEU A 126 -8.55 -14.93 -4.84
C LEU A 126 -7.65 -14.00 -4.02
N LEU A 127 -6.88 -14.55 -3.10
CA LEU A 127 -5.94 -13.75 -2.31
C LEU A 127 -5.06 -12.83 -3.13
N PRO A 128 -4.50 -13.22 -4.29
CA PRO A 128 -3.65 -12.28 -5.04
C PRO A 128 -4.37 -11.02 -5.50
N TYR A 129 -5.70 -10.97 -5.43
CA TYR A 129 -6.46 -9.82 -5.89
C TYR A 129 -7.05 -9.01 -4.74
N MET A 130 -6.62 -9.29 -3.51
CA MET A 130 -7.11 -8.59 -2.33
C MET A 130 -6.05 -7.59 -1.86
N HIS A 131 -6.54 -6.51 -1.23
CA HIS A 131 -5.64 -5.52 -0.64
C HIS A 131 -4.85 -6.16 0.50
N ILE A 132 -3.62 -5.69 0.68
CA ILE A 132 -2.78 -6.21 1.77
C ILE A 132 -3.48 -6.07 3.11
N GLN A 133 -4.27 -5.01 3.30
N GLN A 133 -4.26 -4.99 3.30
CA GLN A 133 -4.99 -4.84 4.55
CA GLN A 133 -5.01 -4.81 4.54
C GLN A 133 -6.24 -5.70 4.63
C GLN A 133 -6.20 -5.75 4.65
N GLU A 134 -6.59 -6.41 3.56
CA GLU A 134 -7.66 -7.40 3.60
C GLU A 134 -7.14 -8.81 3.79
N ARG A 135 -5.85 -9.02 3.66
CA ARG A 135 -5.30 -10.36 3.81
C ARG A 135 -4.99 -10.63 5.28
N PRO A 136 -4.94 -11.90 5.69
CA PRO A 136 -4.60 -12.20 7.08
C PRO A 136 -3.20 -11.71 7.44
N ASN A 137 -2.95 -11.62 8.74
CA ASN A 137 -1.64 -11.21 9.21
C ASN A 137 -0.58 -12.16 8.70
N ALA A 138 0.39 -11.63 7.97
CA ALA A 138 1.45 -12.47 7.42
C ALA A 138 2.43 -12.87 8.52
N ALA A 139 3.20 -13.92 8.24
CA ALA A 139 4.27 -14.33 9.14
C ALA A 139 5.34 -13.24 9.23
N GLU A 140 5.98 -13.16 10.39
CA GLU A 140 7.02 -12.16 10.62
C GLU A 140 8.17 -12.35 9.65
N GLY A 141 8.78 -11.23 9.25
CA GLY A 141 9.92 -11.24 8.35
C GLY A 141 9.58 -11.33 6.88
N THR A 142 8.35 -11.67 6.53
CA THR A 142 7.96 -11.78 5.14
C THR A 142 7.69 -10.40 4.55
N LEU A 143 7.71 -10.33 3.22
CA LEU A 143 7.41 -9.07 2.54
C LEU A 143 6.03 -8.56 2.90
N LEU A 144 5.03 -9.44 2.89
CA LEU A 144 3.67 -9.02 3.20
C LEU A 144 3.59 -8.45 4.62
N TYR A 145 4.30 -9.07 5.56
CA TYR A 145 4.33 -8.57 6.93
C TYR A 145 4.84 -7.14 6.99
N HIS A 146 5.97 -6.86 6.32
CA HIS A 146 6.50 -5.50 6.34
C HIS A 146 5.53 -4.53 5.67
N LEU A 147 4.89 -4.95 4.59
CA LEU A 147 3.96 -4.06 3.89
C LEU A 147 2.73 -3.76 4.73
N GLN A 148 2.19 -4.78 5.42
CA GLN A 148 1.00 -4.58 6.23
C GLN A 148 1.25 -3.65 7.41
N ASN A 149 2.50 -3.52 7.85
CA ASN A 149 2.83 -2.69 8.99
C ASN A 149 3.38 -1.33 8.60
N MET A 150 3.31 -0.97 7.32
CA MET A 150 3.75 0.32 6.85
C MET A 150 2.63 1.35 6.92
N GLY A 151 2.90 2.48 7.54
CA GLY A 151 2.01 3.61 7.45
C GLY A 151 1.93 4.14 6.02
N GLU A 152 1.00 5.09 5.82
CA GLU A 152 0.80 5.66 4.50
C GLU A 152 2.06 6.31 3.96
N ASP A 153 2.82 7.00 4.81
N ASP A 153 2.81 7.01 4.82
CA ASP A 153 4.00 7.69 4.31
CA ASP A 153 4.02 7.70 4.40
C ASP A 153 5.12 6.74 3.94
C ASP A 153 5.08 6.72 3.92
N ALA A 154 5.24 5.61 4.64
CA ALA A 154 6.21 4.61 4.21
C ALA A 154 5.79 3.95 2.90
N ILE A 155 4.49 3.65 2.76
CA ILE A 155 3.98 3.09 1.51
C ILE A 155 4.25 4.05 0.35
N ASN A 156 3.93 5.33 0.54
CA ASN A 156 4.14 6.31 -0.52
C ASN A 156 5.61 6.41 -0.89
N ALA A 157 6.50 6.38 0.10
CA ALA A 157 7.92 6.40 -0.20
C ALA A 157 8.34 5.16 -0.98
N LEU A 158 7.80 3.99 -0.61
CA LEU A 158 8.14 2.77 -1.34
C LEU A 158 7.60 2.82 -2.77
N VAL A 159 6.33 3.20 -2.93
CA VAL A 159 5.73 3.26 -4.26
C VAL A 159 6.50 4.20 -5.16
N SER A 160 6.93 5.35 -4.63
CA SER A 160 7.66 6.32 -5.42
C SER A 160 9.13 5.95 -5.60
N GLY A 161 9.59 4.84 -5.04
CA GLY A 161 10.96 4.42 -5.22
C GLY A 161 11.99 5.30 -4.53
N ALA A 162 11.70 5.75 -3.31
CA ALA A 162 12.58 6.66 -2.61
C ALA A 162 13.92 5.99 -2.29
N SER A 163 14.97 6.81 -2.27
CA SER A 163 16.32 6.29 -2.03
C SER A 163 16.44 5.66 -0.65
N MET A 164 15.60 6.08 0.30
CA MET A 164 15.61 5.54 1.65
C MET A 164 14.32 5.97 2.33
N PHE A 165 13.84 5.12 3.24
CA PHE A 165 12.73 5.49 4.10
C PHE A 165 12.74 4.58 5.31
N GLY A 166 12.11 5.07 6.39
CA GLY A 166 11.96 4.29 7.59
C GLY A 166 10.55 3.73 7.68
N SER A 167 10.43 2.56 8.31
CA SER A 167 9.11 1.98 8.58
C SER A 167 9.22 1.17 9.87
N GLY A 168 8.87 1.80 10.99
N GLY A 168 8.82 1.78 10.98
CA GLY A 168 8.83 1.15 12.29
CA GLY A 168 8.84 1.13 12.27
C GLY A 168 9.86 0.07 12.58
C GLY A 168 10.23 0.97 12.83
N SER A 169 11.03 0.48 13.06
N SER A 169 10.69 -0.28 12.92
CA SER A 169 12.16 -0.37 13.49
CA SER A 169 12.02 -0.58 13.44
C SER A 169 13.01 -0.90 12.35
C SER A 169 13.00 -0.96 12.34
N ASP A 170 12.75 -0.53 11.10
CA ASP A 170 13.58 -0.91 9.97
C ASP A 170 13.89 0.30 9.09
N LEU A 171 15.11 0.31 8.56
CA LEU A 171 15.52 1.24 7.53
C LEU A 171 15.53 0.52 6.19
N TRP A 172 14.85 1.11 5.21
CA TRP A 172 14.87 0.61 3.84
C TRP A 172 15.84 1.46 3.03
N LEU A 173 16.85 0.82 2.45
CA LEU A 173 17.87 1.50 1.64
C LEU A 173 17.85 0.93 0.23
N ARG A 174 17.74 1.81 -0.75
CA ARG A 174 17.73 1.40 -2.15
C ARG A 174 19.14 1.48 -2.70
N LYS A 175 19.65 0.36 -3.20
CA LYS A 175 20.88 0.30 -3.98
C LYS A 175 20.50 -0.32 -5.32
N GLY A 176 20.63 0.47 -6.39
CA GLY A 176 20.14 0.04 -7.67
C GLY A 176 18.63 -0.10 -7.68
N ASP A 177 18.13 -1.29 -8.02
CA ASP A 177 16.72 -1.59 -8.02
C ASP A 177 16.34 -2.58 -6.92
N ILE A 178 17.13 -2.62 -5.85
CA ILE A 178 16.90 -3.51 -4.72
C ILE A 178 16.85 -2.70 -3.44
N TYR A 179 15.91 -3.05 -2.56
CA TYR A 179 15.80 -2.45 -1.24
C TYR A 179 16.43 -3.37 -0.21
N TYR A 180 17.27 -2.81 0.65
CA TYR A 180 17.95 -3.55 1.70
C TYR A 180 17.44 -3.06 3.05
N LEU A 181 17.09 -3.98 3.94
CA LEU A 181 16.55 -3.65 5.24
C LEU A 181 17.62 -3.81 6.32
N PHE A 182 17.69 -2.83 7.22
CA PHE A 182 18.58 -2.87 8.36
C PHE A 182 17.81 -2.46 9.60
N ASN A 183 18.19 -3.02 10.74
CA ASN A 183 17.53 -2.63 11.98
C ASN A 183 17.95 -1.22 12.37
N GLU A 184 17.17 -0.63 13.29
CA GLU A 184 17.40 0.77 13.61
C GLU A 184 18.70 0.98 14.40
N GLU A 185 19.21 -0.05 15.07
CA GLU A 185 20.52 0.05 15.70
C GLU A 185 21.61 0.29 14.67
N THR A 186 21.60 -0.47 13.58
CA THR A 186 22.57 -0.24 12.51
C THR A 186 22.35 1.13 11.88
N TRP A 187 21.09 1.50 11.66
CA TRP A 187 20.77 2.85 11.18
C TRP A 187 21.41 3.91 12.05
N LEU A 188 21.20 3.83 13.37
CA LEU A 188 21.70 4.86 14.26
C LEU A 188 23.22 4.83 14.36
N THR A 189 23.82 3.62 14.34
CA THR A 189 25.27 3.53 14.42
C THR A 189 25.92 4.21 13.23
N ASN A 190 25.40 3.97 12.03
CA ASN A 190 25.98 4.57 10.83
C ASN A 190 25.65 6.05 10.72
N ALA A 191 24.52 6.49 11.27
CA ALA A 191 24.25 7.92 11.33
C ALA A 191 25.22 8.61 12.29
N ASN A 192 25.47 8.00 13.46
CA ASN A 192 26.47 8.53 14.38
C ASN A 192 27.81 8.71 13.69
N LYS A 193 28.27 7.67 12.98
CA LYS A 193 29.62 7.70 12.41
C LYS A 193 29.73 8.73 11.29
N ALA A 194 28.64 8.97 10.57
CA ALA A 194 28.61 9.99 9.54
C ALA A 194 28.41 11.40 10.09
N GLY A 195 28.18 11.53 11.39
CA GLY A 195 27.95 12.84 11.98
C GLY A 195 26.54 13.37 11.76
N LEU A 196 25.54 12.49 11.76
CA LEU A 196 24.17 12.85 11.41
C LEU A 196 23.21 12.58 12.55
N SER A 197 22.18 13.40 12.63
CA SER A 197 20.96 13.13 13.38
C SER A 197 19.80 13.07 12.41
N TYR A 198 18.75 12.34 12.77
CA TYR A 198 17.61 12.20 11.88
C TYR A 198 16.32 12.16 12.68
N SER A 199 15.21 12.39 11.98
CA SER A 199 13.87 12.20 12.51
C SER A 199 13.03 11.51 11.45
N LEU A 200 12.10 10.67 11.90
CA LEU A 200 11.11 10.05 11.03
C LEU A 200 9.90 10.97 10.94
N LEU A 201 9.49 11.29 9.71
CA LEU A 201 8.40 12.22 9.47
C LEU A 201 7.06 11.49 9.28
N SER A 202 5.98 12.19 9.62
CA SER A 202 4.62 11.78 9.31
C SER A 202 4.04 12.59 8.15
N ALA A 203 4.84 13.47 7.54
CA ALA A 203 4.47 14.30 6.41
C ALA A 203 5.71 15.05 5.96
N ASP A 204 5.59 15.92 4.97
CA ASP A 204 6.74 16.72 4.56
C ASP A 204 7.03 17.80 5.61
N CYS A 205 8.22 18.41 5.49
CA CYS A 205 8.62 19.48 6.40
C CYS A 205 9.01 20.70 5.58
N PHE A 206 8.21 21.75 5.67
CA PHE A 206 8.54 23.02 5.02
C PHE A 206 8.83 24.14 6.01
N ILE A 207 8.17 24.15 7.16
CA ILE A 207 8.37 25.18 8.17
C ILE A 207 8.50 24.52 9.53
N GLN A 208 9.56 24.85 10.25
CA GLN A 208 9.82 24.29 11.57
C GLN A 208 9.58 25.37 12.62
N ARG A 209 8.76 25.04 13.62
CA ARG A 209 8.50 25.89 14.78
C ARG A 209 8.80 25.06 16.01
N GLY A 210 9.76 25.52 16.81
CA GLY A 210 10.22 24.69 17.92
C GLY A 210 10.74 23.37 17.37
N ASN A 211 10.17 22.26 17.85
CA ASN A 211 10.51 20.93 17.38
C ASN A 211 9.41 20.32 16.52
N ILE A 212 8.60 21.18 15.89
CA ILE A 212 7.45 20.76 15.10
C ILE A 212 7.69 21.13 13.64
N CYS A 213 7.65 20.14 12.76
CA CYS A 213 7.71 20.36 11.31
C CYS A 213 6.28 20.47 10.79
N TRP A 214 6.00 21.54 10.07
CA TRP A 214 4.66 21.79 9.55
C TRP A 214 4.60 21.57 8.05
N ASP A 215 3.40 21.23 7.57
CA ASP A 215 3.16 20.97 6.16
C ASP A 215 1.67 21.15 5.91
N VAL A 216 1.34 21.64 4.72
CA VAL A 216 -0.06 21.71 4.29
C VAL A 216 -0.47 20.33 3.80
N GLU A 217 -1.68 19.91 4.16
CA GLU A 217 -2.20 18.64 3.67
C GLU A 217 -2.90 18.85 2.33
N ASP A 218 -2.70 17.89 1.42
CA ASP A 218 -3.14 18.06 0.03
C ASP A 218 -4.60 17.70 -0.15
N HIS A 219 -4.97 16.47 0.22
CA HIS A 219 -6.31 15.93 -0.01
C HIS A 219 -6.68 15.95 -1.49
C1 EDO B . 4.30 -0.56 -6.24
O1 EDO B . 3.99 -1.85 -6.79
C2 EDO B . 5.68 -0.09 -6.73
O2 EDO B . 6.70 -0.93 -6.20
C1 EDO C . -3.46 -7.04 7.95
O1 EDO C . -2.63 -6.00 8.47
C2 EDO C . -4.85 -6.96 8.60
O2 EDO C . -5.35 -8.29 8.82
C1 EDO D . -10.40 7.85 -2.62
O1 EDO D . -10.98 7.94 -3.93
C2 EDO D . -9.88 9.22 -2.19
O2 EDO D . -9.87 9.31 -0.76
C1 EDO E . -6.00 10.47 1.63
O1 EDO E . -7.20 10.17 2.37
C2 EDO E . -6.02 11.94 1.20
O2 EDO E . -4.97 12.16 0.25
C1 EDO F . -20.36 -1.55 0.42
O1 EDO F . -20.49 -2.75 -0.37
C2 EDO F . -20.56 -0.32 -0.46
O2 EDO F . -20.75 0.83 0.38
S SO4 G . -1.07 -0.79 -10.54
O1 SO4 G . -1.70 0.39 -11.13
O2 SO4 G . -1.71 -1.07 -9.25
O3 SO4 G . -1.25 -1.95 -11.42
O4 SO4 G . 0.35 -0.55 -10.34
S SO4 H . -13.31 -16.54 -17.77
O1 SO4 H . -14.40 -16.93 -18.65
O2 SO4 H . -13.80 -15.63 -16.75
O3 SO4 H . -12.76 -17.74 -17.13
O4 SO4 H . -12.27 -15.87 -18.55
S SO4 I . 14.57 10.71 -2.24
O1 SO4 I . 13.30 11.09 -1.62
O2 SO4 I . 15.07 11.84 -3.02
O3 SO4 I . 14.38 9.56 -3.10
O4 SO4 I . 15.54 10.37 -1.20
S SO4 J . 18.29 10.46 16.45
O1 SO4 J . 17.85 11.78 16.89
O2 SO4 J . 18.86 9.72 17.59
O3 SO4 J . 17.16 9.72 15.91
O4 SO4 J . 19.32 10.60 15.41
MG MG K . 3.14 16.73 1.89
#